data_6JHA
#
_entry.id   6JHA
#
_cell.length_a   101.625
_cell.length_b   101.625
_cell.length_c   115.650
_cell.angle_alpha   90.00
_cell.angle_beta   90.00
_cell.angle_gamma   90.00
#
_symmetry.space_group_name_H-M   'P 43 2 2'
#
loop_
_entity.id
_entity.type
_entity.pdbx_description
1 polymer 'Short chain dehydrogenase family protein'
2 non-polymer 'NADPH DIHYDRO-NICOTINAMIDE-ADENINE-DINUCLEOTIDE PHOSPHATE'
3 non-polymer 'TRIETHYLENE GLYCOL'
4 water water
#
_entity_poly.entity_id   1
_entity_poly.type   'polypeptide(L)'
_entity_poly.pdbx_seq_one_letter_code
;MDLGLKDKVALITGSSAGIGFTIAEKLAEEGCHLIICGRNSQRLEQAYQSLAQAYPAQQILRLVADVHQAQDSEQLIQDS
LNQYGKIDILVNNSEGANFAENLIENLSDEDWLNVFQGKLIGYIRLTNLVLPIMKKQHWGRIVNIIGTSGKEPSPRLVKS
GVVNAALMNFTKSVARQTAPYNVLINSVNPGVIDTPRHREYLEIYAKKEGTTPDLIRERILKTIPMNRIGTTEEFANLVV
FLASECASYITGITIPLDGGLSSSAFLEHHHHHH
;
_entity_poly.pdbx_strand_id   A,B
#
loop_
_chem_comp.id
_chem_comp.type
_chem_comp.name
_chem_comp.formula
NDP non-polymer 'NADPH DIHYDRO-NICOTINAMIDE-ADENINE-DINUCLEOTIDE PHOSPHATE' 'C21 H30 N7 O17 P3'
PGE non-polymer 'TRIETHYLENE GLYCOL' 'C6 H14 O4'
#
# COMPACT_ATOMS: atom_id res chain seq x y z
N MET A 1 3.42 -14.04 -6.12
CA MET A 1 4.05 -13.59 -4.87
C MET A 1 3.56 -14.43 -3.71
N ASP A 2 4.51 -15.02 -2.97
CA ASP A 2 4.20 -15.83 -1.81
C ASP A 2 3.93 -14.93 -0.61
N LEU A 3 2.69 -14.91 -0.19
CA LEU A 3 2.22 -14.03 0.93
C LEU A 3 2.44 -14.55 2.36
N GLY A 4 2.93 -15.77 2.50
CA GLY A 4 3.25 -16.30 3.79
C GLY A 4 2.04 -16.55 4.70
N LEU A 5 0.90 -16.92 4.11
CA LEU A 5 -0.35 -16.98 4.85
C LEU A 5 -0.85 -18.40 5.06
N LYS A 6 -0.08 -19.38 4.65
CA LYS A 6 -0.59 -20.76 4.83
C LYS A 6 -0.83 -21.07 6.30
N ASP A 7 -2.02 -21.55 6.61
CA ASP A 7 -2.44 -21.91 7.93
C ASP A 7 -2.66 -20.76 8.91
N LYS A 8 -2.60 -19.51 8.44
CA LYS A 8 -2.95 -18.39 9.29
C LYS A 8 -4.46 -18.41 9.44
N VAL A 9 -4.93 -17.92 10.56
CA VAL A 9 -6.36 -17.89 10.91
C VAL A 9 -6.88 -16.46 10.80
N ALA A 10 -7.88 -16.26 9.96
CA ALA A 10 -8.37 -14.92 9.66
C ALA A 10 -9.85 -14.82 10.04
N LEU A 11 -10.18 -13.83 10.82
CA LEU A 11 -11.54 -13.50 11.14
C LEU A 11 -11.93 -12.32 10.25
N ILE A 12 -12.95 -12.48 9.42
CA ILE A 12 -13.41 -11.39 8.56
C ILE A 12 -14.83 -11.08 8.99
N THR A 13 -15.06 -9.90 9.53
CA THR A 13 -16.43 -9.55 9.93
C THR A 13 -17.22 -9.07 8.68
N GLY A 14 -18.55 -9.19 8.71
CA GLY A 14 -19.39 -8.83 7.59
C GLY A 14 -19.06 -9.55 6.31
N SER A 15 -18.90 -10.87 6.40
CA SER A 15 -18.33 -11.65 5.31
C SER A 15 -19.33 -12.55 4.58
N SER A 16 -20.63 -12.35 4.82
CA SER A 16 -21.65 -13.12 4.09
C SER A 16 -21.90 -12.58 2.69
N ALA A 17 -21.49 -11.34 2.44
CA ALA A 17 -21.64 -10.77 1.14
C ALA A 17 -20.68 -9.59 0.86
N GLY A 18 -20.63 -9.19 -0.40
CA GLY A 18 -19.96 -7.94 -0.76
C GLY A 18 -18.47 -8.03 -0.55
N ILE A 19 -17.92 -6.94 -0.06
CA ILE A 19 -16.48 -6.79 0.11
C ILE A 19 -15.95 -7.88 1.07
N GLY A 20 -16.63 -8.08 2.19
CA GLY A 20 -16.19 -9.07 3.21
C GLY A 20 -16.15 -10.47 2.68
N PHE A 21 -17.12 -10.85 1.86
CA PHE A 21 -17.12 -12.15 1.26
C PHE A 21 -15.93 -12.41 0.34
N THR A 22 -15.61 -11.43 -0.52
CA THR A 22 -14.54 -11.60 -1.45
C THR A 22 -13.16 -11.57 -0.75
N ILE A 23 -13.04 -10.78 0.32
CA ILE A 23 -11.83 -10.82 1.16
C ILE A 23 -11.65 -12.26 1.75
N ALA A 24 -12.73 -12.84 2.24
CA ALA A 24 -12.69 -14.23 2.78
C ALA A 24 -12.22 -15.22 1.69
N GLU A 25 -12.77 -15.10 0.47
CA GLU A 25 -12.36 -15.95 -0.63
C GLU A 25 -10.85 -15.84 -0.89
N LYS A 26 -10.37 -14.58 -1.02
CA LYS A 26 -8.98 -14.38 -1.34
C LYS A 26 -8.07 -14.84 -0.26
N LEU A 27 -8.47 -14.72 1.01
CA LEU A 27 -7.65 -15.24 2.09
C LEU A 27 -7.55 -16.77 2.06
N ALA A 28 -8.70 -17.42 1.80
CA ALA A 28 -8.73 -18.90 1.65
C ALA A 28 -7.84 -19.33 0.49
N GLU A 29 -7.86 -18.59 -0.61
CA GLU A 29 -7.03 -18.89 -1.77
C GLU A 29 -5.55 -18.84 -1.43
N GLU A 30 -5.15 -17.95 -0.50
CA GLU A 30 -3.78 -17.88 -0.06
C GLU A 30 -3.45 -18.87 1.05
N GLY A 31 -4.41 -19.69 1.48
CA GLY A 31 -4.09 -20.74 2.45
C GLY A 31 -4.55 -20.50 3.86
N CYS A 32 -5.29 -19.41 4.09
CA CYS A 32 -5.82 -19.17 5.46
C CYS A 32 -6.99 -20.13 5.79
N HIS A 33 -7.14 -20.36 7.07
CA HIS A 33 -8.36 -20.89 7.61
C HIS A 33 -9.19 -19.70 7.99
N LEU A 34 -10.50 -19.86 7.95
CA LEU A 34 -11.37 -18.68 8.14
C LEU A 34 -12.31 -18.77 9.31
N ILE A 35 -12.65 -17.59 9.84
CA ILE A 35 -13.92 -17.37 10.54
C ILE A 35 -14.68 -16.30 9.77
N ILE A 36 -15.91 -16.64 9.37
CA ILE A 36 -16.79 -15.69 8.66
C ILE A 36 -18.00 -15.50 9.57
N CYS A 37 -18.59 -14.32 9.54
CA CYS A 37 -19.70 -14.01 10.39
C CYS A 37 -20.61 -12.95 9.76
N GLY A 38 -21.79 -12.89 10.34
CA GLY A 38 -22.84 -12.00 9.80
C GLY A 38 -24.07 -12.22 10.66
N ARG A 39 -25.04 -11.32 10.51
CA ARG A 39 -26.29 -11.36 11.26
C ARG A 39 -27.33 -12.25 10.56
N ASN A 40 -27.37 -12.15 9.25
CA ASN A 40 -28.33 -12.86 8.40
C ASN A 40 -27.89 -14.28 8.23
N SER A 41 -28.46 -15.18 9.02
CA SER A 41 -27.98 -16.54 9.03
C SER A 41 -28.10 -17.25 7.67
N GLN A 42 -29.12 -16.87 6.90
CA GLN A 42 -29.39 -17.48 5.61
C GLN A 42 -28.32 -17.04 4.60
N ARG A 43 -28.01 -15.74 4.58
CA ARG A 43 -26.97 -15.22 3.68
C ARG A 43 -25.63 -15.86 4.09
N LEU A 44 -25.44 -16.01 5.38
CA LEU A 44 -24.18 -16.56 5.89
C LEU A 44 -23.98 -18.03 5.52
N GLU A 45 -25.06 -18.82 5.61
CA GLU A 45 -25.04 -20.20 5.12
C GLU A 45 -24.71 -20.31 3.65
N GLN A 46 -25.25 -19.43 2.82
CA GLN A 46 -24.94 -19.43 1.38
CA GLN A 46 -24.92 -19.47 1.39
C GLN A 46 -23.44 -19.16 1.19
N ALA A 47 -22.95 -18.12 1.88
CA ALA A 47 -21.52 -17.77 1.80
C ALA A 47 -20.63 -18.94 2.17
N TYR A 48 -20.94 -19.54 3.31
CA TYR A 48 -20.18 -20.66 3.86
C TYR A 48 -20.12 -21.84 2.89
N GLN A 49 -21.24 -22.17 2.27
CA GLN A 49 -21.26 -23.29 1.32
C GLN A 49 -20.40 -22.98 0.10
N SER A 50 -20.45 -21.73 -0.36
CA SER A 50 -19.72 -21.31 -1.52
C SER A 50 -18.22 -21.45 -1.26
N LEU A 51 -17.80 -20.99 -0.08
CA LEU A 51 -16.38 -21.04 0.31
C LEU A 51 -15.90 -22.47 0.52
N ALA A 52 -16.70 -23.28 1.23
CA ALA A 52 -16.33 -24.65 1.53
C ALA A 52 -16.17 -25.45 0.25
N GLN A 53 -17.01 -25.17 -0.74
CA GLN A 53 -16.88 -25.89 -2.01
C GLN A 53 -15.68 -25.41 -2.84
N ALA A 54 -15.37 -24.11 -2.78
CA ALA A 54 -14.29 -23.61 -3.58
C ALA A 54 -12.98 -23.96 -2.95
N TYR A 55 -12.95 -24.10 -1.63
CA TYR A 55 -11.70 -24.29 -0.90
C TYR A 55 -11.80 -25.45 0.06
N PRO A 56 -11.96 -26.66 -0.48
CA PRO A 56 -12.29 -27.83 0.36
C PRO A 56 -11.20 -28.21 1.36
N ALA A 57 -9.97 -27.78 1.12
CA ALA A 57 -8.84 -28.07 2.00
C ALA A 57 -8.69 -27.07 3.16
N GLN A 58 -9.43 -25.96 3.14
CA GLN A 58 -9.32 -24.94 4.18
C GLN A 58 -10.44 -25.18 5.21
N GLN A 59 -10.14 -24.92 6.48
CA GLN A 59 -11.12 -24.86 7.53
C GLN A 59 -11.89 -23.55 7.54
N ILE A 60 -13.20 -23.64 7.75
CA ILE A 60 -14.04 -22.42 7.72
C ILE A 60 -15.02 -22.56 8.85
N LEU A 61 -14.98 -21.65 9.81
CA LEU A 61 -15.92 -21.59 10.91
C LEU A 61 -16.89 -20.44 10.61
N ARG A 62 -18.19 -20.72 10.61
CA ARG A 62 -19.16 -19.60 10.45
C ARG A 62 -19.90 -19.34 11.74
N LEU A 63 -20.02 -18.08 12.13
CA LEU A 63 -20.69 -17.72 13.38
C LEU A 63 -21.67 -16.58 13.15
N VAL A 64 -22.92 -16.77 13.58
CA VAL A 64 -23.90 -15.70 13.54
C VAL A 64 -23.60 -14.75 14.68
N ALA A 65 -23.36 -13.47 14.35
CA ALA A 65 -23.00 -12.48 15.35
C ALA A 65 -23.27 -11.08 14.82
N ASP A 66 -23.73 -10.20 15.70
CA ASP A 66 -23.84 -8.81 15.40
C ASP A 66 -22.62 -8.12 16.06
N VAL A 67 -21.66 -7.70 15.25
CA VAL A 67 -20.41 -7.20 15.77
C VAL A 67 -20.50 -5.71 16.18
N HIS A 68 -21.72 -5.16 16.11
CA HIS A 68 -22.02 -3.98 16.90
C HIS A 68 -22.53 -4.24 18.33
N GLN A 69 -22.73 -5.51 18.73
CA GLN A 69 -23.10 -5.84 20.13
C GLN A 69 -21.90 -6.41 20.89
N ALA A 70 -21.73 -5.95 22.12
CA ALA A 70 -20.62 -6.37 22.97
C ALA A 70 -20.61 -7.86 23.21
N GLN A 71 -21.77 -8.41 23.57
CA GLN A 71 -21.78 -9.81 24.00
C GLN A 71 -21.52 -10.70 22.79
N ASP A 72 -22.06 -10.33 21.65
CA ASP A 72 -21.88 -11.09 20.41
C ASP A 72 -20.38 -11.06 20.01
N SER A 73 -19.77 -9.91 20.15
CA SER A 73 -18.37 -9.71 19.77
C SER A 73 -17.42 -10.46 20.70
N GLU A 74 -17.69 -10.43 22.01
CA GLU A 74 -16.92 -11.19 22.97
C GLU A 74 -16.99 -12.69 22.67
N GLN A 75 -18.19 -13.19 22.39
CA GLN A 75 -18.37 -14.63 22.09
C GLN A 75 -17.84 -15.04 20.72
N LEU A 76 -17.88 -14.13 19.77
CA LEU A 76 -17.26 -14.37 18.49
C LEU A 76 -15.74 -14.64 18.70
N ILE A 77 -15.09 -13.83 19.51
CA ILE A 77 -13.62 -13.97 19.68
C ILE A 77 -13.35 -15.25 20.47
N GLN A 78 -14.10 -15.47 21.54
CA GLN A 78 -13.93 -16.71 22.33
C GLN A 78 -14.16 -17.99 21.52
N ASP A 79 -15.19 -17.99 20.70
CA ASP A 79 -15.54 -19.12 19.84
C ASP A 79 -14.46 -19.39 18.78
N SER A 80 -13.89 -18.33 18.23
CA SER A 80 -12.80 -18.47 17.24
C SER A 80 -11.54 -19.03 17.92
N LEU A 81 -11.22 -18.48 19.09
CA LEU A 81 -10.06 -18.94 19.84
C LEU A 81 -10.21 -20.41 20.22
N ASN A 82 -11.40 -20.81 20.66
CA ASN A 82 -11.67 -22.20 20.99
C ASN A 82 -11.48 -23.12 19.81
N GLN A 83 -11.93 -22.72 18.63
CA GLN A 83 -11.81 -23.56 17.48
C GLN A 83 -10.34 -23.71 17.01
N TYR A 84 -9.56 -22.62 16.98
CA TYR A 84 -8.28 -22.60 16.25
C TYR A 84 -7.04 -22.46 17.12
N GLY A 85 -7.22 -21.97 18.35
CA GLY A 85 -6.13 -21.74 19.27
C GLY A 85 -5.31 -20.47 19.03
N LYS A 86 -5.69 -19.72 17.99
CA LYS A 86 -4.97 -18.51 17.52
C LYS A 86 -5.91 -17.68 16.62
N ILE A 87 -5.72 -16.38 16.59
CA ILE A 87 -6.32 -15.52 15.59
C ILE A 87 -5.18 -14.64 15.01
N ASP A 88 -4.86 -14.84 13.76
CA ASP A 88 -3.73 -14.11 13.15
C ASP A 88 -4.13 -12.79 12.51
N ILE A 89 -5.35 -12.75 11.95
CA ILE A 89 -5.82 -11.63 11.10
C ILE A 89 -7.23 -11.28 11.54
N LEU A 90 -7.50 -9.99 11.63
CA LEU A 90 -8.85 -9.47 11.83
C LEU A 90 -9.09 -8.44 10.75
N VAL A 91 -10.18 -8.63 10.04
CA VAL A 91 -10.65 -7.60 9.10
C VAL A 91 -11.94 -7.03 9.66
N ASN A 92 -11.90 -5.76 10.08
CA ASN A 92 -13.08 -5.05 10.60
C ASN A 92 -13.86 -4.46 9.47
N ASN A 93 -15.09 -4.95 9.28
CA ASN A 93 -15.90 -4.60 8.11
C ASN A 93 -17.38 -4.68 8.56
N SER A 94 -17.94 -3.54 8.94
CA SER A 94 -19.33 -3.51 9.41
C SER A 94 -19.94 -2.19 8.98
N GLU A 95 -21.27 -2.13 9.06
CA GLU A 95 -22.05 -1.07 8.41
C GLU A 95 -21.95 0.22 9.19
N GLY A 96 -21.82 1.33 8.47
CA GLY A 96 -21.63 2.66 9.08
C GLY A 96 -22.96 3.37 9.32
N ASN A 102 -32.31 22.47 8.35
CA ASN A 102 -30.97 22.09 7.92
C ASN A 102 -30.57 20.83 8.65
N LEU A 103 -29.84 19.97 7.95
CA LEU A 103 -29.72 18.58 8.35
C LEU A 103 -28.94 18.44 9.65
N ILE A 104 -27.74 19.03 9.74
CA ILE A 104 -26.85 18.69 10.85
C ILE A 104 -27.44 19.04 12.24
N GLU A 105 -27.98 20.24 12.43
CA GLU A 105 -28.50 20.68 13.75
C GLU A 105 -29.77 19.94 14.23
N ASN A 106 -30.35 19.10 13.38
CA ASN A 106 -31.49 18.30 13.79
CA ASN A 106 -31.50 18.27 13.69
C ASN A 106 -31.11 16.85 14.15
N LEU A 107 -29.81 16.56 14.17
CA LEU A 107 -29.30 15.28 14.72
C LEU A 107 -29.24 15.39 16.24
N SER A 108 -30.01 14.58 16.93
CA SER A 108 -30.09 14.65 18.37
C SER A 108 -28.88 14.03 19.08
N ASP A 109 -28.78 14.26 20.38
CA ASP A 109 -27.81 13.59 21.23
C ASP A 109 -27.93 12.11 21.05
N GLU A 110 -29.17 11.62 21.08
CA GLU A 110 -29.42 10.20 20.96
C GLU A 110 -28.99 9.70 19.58
N ASP A 111 -29.21 10.49 18.54
CA ASP A 111 -28.76 10.09 17.22
C ASP A 111 -27.24 9.88 17.20
N TRP A 112 -26.49 10.78 17.81
CA TRP A 112 -25.04 10.73 17.71
C TRP A 112 -24.52 9.58 18.56
N LEU A 113 -25.05 9.47 19.76
CA LEU A 113 -24.72 8.33 20.62
C LEU A 113 -24.94 6.99 19.93
N ASN A 114 -26.03 6.85 19.18
CA ASN A 114 -26.28 5.62 18.41
C ASN A 114 -25.25 5.37 17.35
N VAL A 115 -24.78 6.40 16.64
CA VAL A 115 -23.74 6.11 15.65
C VAL A 115 -22.45 5.74 16.38
N PHE A 116 -22.14 6.33 17.53
CA PHE A 116 -20.88 6.00 18.18
C PHE A 116 -20.91 4.55 18.69
N GLN A 117 -22.09 4.11 19.09
CA GLN A 117 -22.32 2.70 19.50
C GLN A 117 -22.40 1.69 18.37
N GLY A 118 -22.28 2.13 17.12
CA GLY A 118 -22.20 1.25 15.97
C GLY A 118 -20.77 0.90 15.61
N LYS A 119 -20.40 1.19 14.39
CA LYS A 119 -19.12 0.86 13.78
C LYS A 119 -17.95 1.43 14.57
N LEU A 120 -18.08 2.64 15.14
CA LEU A 120 -16.98 3.24 15.90
C LEU A 120 -16.53 2.37 17.07
N ILE A 121 -17.41 2.20 18.04
CA ILE A 121 -17.03 1.35 19.16
CA ILE A 121 -17.10 1.33 19.17
C ILE A 121 -16.94 -0.12 18.72
N GLY A 122 -17.64 -0.50 17.65
CA GLY A 122 -17.57 -1.87 17.16
C GLY A 122 -16.14 -2.25 16.76
N TYR A 123 -15.51 -1.37 15.98
CA TYR A 123 -14.13 -1.65 15.52
C TYR A 123 -13.14 -1.57 16.70
N ILE A 124 -13.31 -0.59 17.59
CA ILE A 124 -12.44 -0.39 18.73
C ILE A 124 -12.53 -1.63 19.63
N ARG A 125 -13.75 -2.07 19.92
CA ARG A 125 -13.96 -3.20 20.83
C ARG A 125 -13.30 -4.48 20.27
N LEU A 126 -13.59 -4.82 19.01
CA LEU A 126 -12.95 -6.02 18.42
C LEU A 126 -11.45 -5.94 18.32
N THR A 127 -10.90 -4.78 17.98
CA THR A 127 -9.47 -4.57 18.11
C THR A 127 -8.97 -4.92 19.50
N ASN A 128 -9.58 -4.31 20.51
CA ASN A 128 -9.18 -4.56 21.87
C ASN A 128 -9.24 -6.02 22.26
N LEU A 129 -10.22 -6.76 21.75
CA LEU A 129 -10.44 -8.17 22.11
C LEU A 129 -9.37 -9.04 21.46
N VAL A 130 -8.93 -8.71 20.24
CA VAL A 130 -7.92 -9.55 19.60
C VAL A 130 -6.50 -9.17 19.97
N LEU A 131 -6.25 -7.94 20.44
CA LEU A 131 -4.85 -7.52 20.69
C LEU A 131 -4.09 -8.44 21.66
N PRO A 132 -4.72 -8.91 22.75
CA PRO A 132 -3.91 -9.80 23.64
C PRO A 132 -3.47 -11.09 23.01
N ILE A 133 -4.33 -11.63 22.17
CA ILE A 133 -4.09 -12.86 21.46
C ILE A 133 -2.95 -12.68 20.45
N MET A 134 -3.08 -11.64 19.65
CA MET A 134 -2.03 -11.33 18.65
C MET A 134 -0.70 -10.98 19.29
N LYS A 135 -0.73 -10.27 20.41
CA LYS A 135 0.55 -9.92 21.11
C LYS A 135 1.19 -11.17 21.66
N LYS A 136 0.39 -12.11 22.16
CA LYS A 136 0.91 -13.39 22.61
C LYS A 136 1.62 -14.14 21.51
N GLN A 137 1.05 -14.11 20.31
CA GLN A 137 1.61 -14.72 19.13
C GLN A 137 2.83 -14.01 18.54
N HIS A 138 3.06 -12.76 18.90
CA HIS A 138 3.95 -11.84 18.17
C HIS A 138 3.66 -11.86 16.68
N TRP A 139 2.38 -11.90 16.37
CA TRP A 139 1.96 -11.90 14.98
C TRP A 139 0.53 -11.50 14.91
N GLY A 140 0.26 -10.39 14.24
CA GLY A 140 -1.13 -10.04 13.98
C GLY A 140 -1.21 -9.05 12.83
N ARG A 141 -2.38 -9.08 12.18
CA ARG A 141 -2.71 -8.05 11.19
C ARG A 141 -4.15 -7.68 11.41
N ILE A 142 -4.40 -6.37 11.46
CA ILE A 142 -5.77 -5.87 11.62
C ILE A 142 -5.99 -4.89 10.47
N VAL A 143 -7.00 -5.12 9.68
CA VAL A 143 -7.28 -4.19 8.57
C VAL A 143 -8.69 -3.65 8.76
N ASN A 144 -8.79 -2.33 8.86
CA ASN A 144 -10.08 -1.68 9.06
C ASN A 144 -10.63 -1.13 7.78
N ILE A 145 -11.87 -1.51 7.43
CA ILE A 145 -12.49 -1.05 6.19
C ILE A 145 -13.28 0.17 6.59
N ILE A 146 -12.82 1.33 6.14
CA ILE A 146 -13.31 2.60 6.66
C ILE A 146 -14.01 3.32 5.52
N GLY A 147 -15.29 3.02 5.46
N LEU A 157 -22.14 11.11 4.80
CA LEU A 157 -22.61 12.41 5.28
CA LEU A 157 -22.74 12.27 5.42
C LEU A 157 -21.88 12.74 6.61
N VAL A 158 -22.48 13.61 7.42
CA VAL A 158 -21.83 14.12 8.61
C VAL A 158 -21.40 12.97 9.55
N LYS A 159 -22.35 12.10 9.90
CA LYS A 159 -22.10 11.07 10.93
C LYS A 159 -20.99 10.13 10.53
N SER A 160 -21.11 9.60 9.32
CA SER A 160 -20.11 8.76 8.71
C SER A 160 -18.69 9.36 8.70
N GLY A 161 -18.56 10.61 8.28
CA GLY A 161 -17.25 11.27 8.19
C GLY A 161 -16.63 11.40 9.57
N VAL A 162 -17.43 11.74 10.57
CA VAL A 162 -16.94 11.87 11.94
C VAL A 162 -16.38 10.51 12.44
N VAL A 163 -17.16 9.46 12.25
CA VAL A 163 -16.75 8.09 12.68
C VAL A 163 -15.47 7.68 11.95
N ASN A 164 -15.44 7.90 10.64
CA ASN A 164 -14.28 7.51 9.85
C ASN A 164 -12.99 8.28 10.20
N ALA A 165 -13.11 9.56 10.53
CA ALA A 165 -11.94 10.33 10.97
C ALA A 165 -11.44 9.79 12.29
N ALA A 166 -12.39 9.54 13.22
CA ALA A 166 -12.09 8.93 14.52
C ALA A 166 -11.33 7.63 14.30
N LEU A 167 -11.85 6.75 13.44
CA LEU A 167 -11.21 5.43 13.22
C LEU A 167 -9.84 5.49 12.55
N MET A 168 -9.68 6.40 11.60
CA MET A 168 -8.33 6.65 11.04
C MET A 168 -7.28 7.03 12.10
N ASN A 169 -7.67 7.87 13.04
CA ASN A 169 -6.80 8.29 14.07
C ASN A 169 -6.58 7.17 15.07
N PHE A 170 -7.65 6.46 15.44
CA PHE A 170 -7.49 5.23 16.27
C PHE A 170 -6.48 4.22 15.67
N THR A 171 -6.55 4.00 14.37
CA THR A 171 -5.63 3.11 13.65
C THR A 171 -4.18 3.53 13.90
N LYS A 172 -3.87 4.81 13.75
CA LYS A 172 -2.52 5.32 14.03
C LYS A 172 -2.04 5.13 15.45
N SER A 173 -2.90 5.49 16.43
CA SER A 173 -2.58 5.31 17.81
C SER A 173 -2.33 3.87 18.14
N VAL A 174 -3.20 2.96 17.74
CA VAL A 174 -2.97 1.56 18.10
CA VAL A 174 -3.00 1.56 18.07
C VAL A 174 -1.75 1.00 17.38
N ALA A 175 -1.58 1.35 16.11
CA ALA A 175 -0.42 0.86 15.39
C ALA A 175 0.90 1.21 16.13
N ARG A 176 1.02 2.44 16.59
CA ARG A 176 2.22 2.89 17.30
CA ARG A 176 2.22 2.89 17.31
C ARG A 176 2.48 2.03 18.54
N GLN A 177 1.45 1.70 19.27
CA GLN A 177 1.60 0.96 20.51
C GLN A 177 1.93 -0.52 20.29
N THR A 178 1.40 -1.14 19.22
CA THR A 178 1.48 -2.59 19.01
C THR A 178 2.58 -3.02 18.03
N ALA A 179 3.16 -2.06 17.33
CA ALA A 179 4.24 -2.32 16.40
C ALA A 179 5.40 -3.14 16.98
N PRO A 180 5.77 -2.89 18.26
CA PRO A 180 6.88 -3.70 18.86
C PRO A 180 6.55 -5.18 19.06
N TYR A 181 5.28 -5.56 18.86
CA TYR A 181 4.83 -6.95 18.96
C TYR A 181 4.53 -7.59 17.62
N ASN A 182 4.87 -6.89 16.54
CA ASN A 182 4.60 -7.37 15.18
C ASN A 182 3.08 -7.60 15.00
N VAL A 183 2.32 -6.70 15.61
CA VAL A 183 0.87 -6.61 15.42
C VAL A 183 0.62 -5.32 14.64
N LEU A 184 0.31 -5.47 13.35
CA LEU A 184 0.29 -4.34 12.39
C LEU A 184 -1.14 -4.00 12.07
N ILE A 185 -1.47 -2.73 12.03
CA ILE A 185 -2.85 -2.32 11.82
CA ILE A 185 -2.84 -2.26 11.91
C ILE A 185 -2.91 -1.18 10.85
N ASN A 186 -3.77 -1.35 9.85
CA ASN A 186 -3.88 -0.39 8.75
C ASN A 186 -5.34 -0.26 8.36
N SER A 187 -5.64 0.77 7.60
CA SER A 187 -7.00 0.95 7.13
CA SER A 187 -7.00 1.00 7.15
C SER A 187 -7.07 1.14 5.62
N VAL A 188 -8.21 0.74 5.05
CA VAL A 188 -8.41 0.91 3.64
C VAL A 188 -9.73 1.64 3.45
N ASN A 189 -9.70 2.63 2.59
CA ASN A 189 -10.88 3.48 2.34
C ASN A 189 -11.40 3.24 0.95
N PRO A 190 -12.50 2.48 0.81
CA PRO A 190 -13.01 2.22 -0.51
C PRO A 190 -13.61 3.48 -1.20
N GLY A 191 -13.49 3.55 -2.52
CA GLY A 191 -14.32 4.45 -3.37
C GLY A 191 -15.57 3.69 -3.74
N VAL A 192 -15.97 3.74 -5.00
CA VAL A 192 -17.20 3.12 -5.34
C VAL A 192 -16.90 1.71 -5.77
N ILE A 193 -17.43 0.76 -4.99
CA ILE A 193 -17.20 -0.66 -5.22
C ILE A 193 -18.54 -1.34 -5.50
N ASP A 194 -18.60 -2.22 -6.51
CA ASP A 194 -19.85 -2.90 -6.90
C ASP A 194 -20.21 -3.98 -5.86
N THR A 195 -20.85 -3.58 -4.78
CA THR A 195 -21.40 -4.47 -3.74
C THR A 195 -22.92 -4.49 -3.76
N PRO A 196 -23.53 -5.35 -2.91
CA PRO A 196 -25.01 -5.37 -2.86
C PRO A 196 -25.59 -4.08 -2.38
N ARG A 197 -24.98 -3.46 -1.36
CA ARG A 197 -25.41 -2.13 -0.93
C ARG A 197 -25.37 -1.16 -2.08
N HIS A 198 -24.30 -1.21 -2.86
CA HIS A 198 -24.18 -0.31 -3.98
C HIS A 198 -25.29 -0.49 -5.01
N ARG A 199 -25.50 -1.73 -5.47
CA ARG A 199 -26.54 -1.98 -6.47
C ARG A 199 -27.93 -1.62 -5.87
N GLU A 200 -28.12 -1.91 -4.58
CA GLU A 200 -29.31 -1.47 -3.83
C GLU A 200 -29.37 0.04 -3.64
N TYR A 201 -28.23 0.64 -3.31
CA TYR A 201 -28.10 2.08 -3.09
C TYR A 201 -28.38 2.91 -4.34
N LEU A 202 -28.09 2.35 -5.51
CA LEU A 202 -28.52 2.97 -6.76
C LEU A 202 -30.05 3.08 -6.80
N GLU A 203 -30.73 1.93 -6.77
CA GLU A 203 -32.21 1.87 -6.94
C GLU A 203 -33.03 2.73 -5.96
N ILE A 204 -32.56 2.85 -4.72
CA ILE A 204 -33.20 3.71 -3.72
C ILE A 204 -32.87 5.19 -3.94
N TYR A 205 -32.41 5.56 -5.14
CA TYR A 205 -32.00 6.94 -5.42
C TYR A 205 -31.93 7.19 -6.92
N ASP A 214 -28.40 2.67 -16.36
CA ASP A 214 -27.96 2.99 -15.01
C ASP A 214 -28.61 4.28 -14.50
N LEU A 215 -28.13 5.41 -15.03
CA LEU A 215 -28.73 6.72 -14.76
C LEU A 215 -28.00 7.43 -13.63
N ILE A 216 -28.23 6.99 -12.40
CA ILE A 216 -27.50 7.52 -11.24
C ILE A 216 -26.04 7.03 -11.33
N ARG A 217 -25.90 5.82 -11.87
CA ARG A 217 -24.60 5.22 -12.14
C ARG A 217 -23.76 6.07 -13.11
N GLU A 218 -24.36 6.48 -14.22
CA GLU A 218 -23.63 7.27 -15.21
C GLU A 218 -23.09 8.57 -14.61
N ARG A 219 -23.81 9.17 -13.67
CA ARG A 219 -23.30 10.38 -13.00
C ARG A 219 -22.13 10.08 -12.07
N ILE A 220 -22.21 8.96 -11.33
CA ILE A 220 -21.11 8.55 -10.47
C ILE A 220 -19.87 8.23 -11.31
N LEU A 221 -20.03 7.49 -12.39
CA LEU A 221 -18.89 7.15 -13.26
C LEU A 221 -18.13 8.37 -13.77
N LYS A 222 -18.87 9.47 -14.01
CA LYS A 222 -18.26 10.71 -14.48
C LYS A 222 -17.35 11.33 -13.43
N THR A 223 -17.61 11.03 -12.15
CA THR A 223 -16.82 11.56 -11.06
C THR A 223 -15.56 10.69 -10.81
N ILE A 224 -15.51 9.48 -11.35
CA ILE A 224 -14.35 8.60 -11.06
C ILE A 224 -13.36 8.69 -12.23
N PRO A 225 -12.10 9.12 -11.97
CA PRO A 225 -11.15 9.28 -13.07
C PRO A 225 -11.00 8.04 -13.91
N MET A 226 -11.02 6.85 -13.30
CA MET A 226 -10.90 5.62 -14.04
CA MET A 226 -10.89 5.62 -14.06
C MET A 226 -12.14 5.32 -14.89
N ASN A 227 -13.24 5.99 -14.57
CA ASN A 227 -14.50 5.87 -15.33
C ASN A 227 -15.05 4.45 -15.27
N ARG A 228 -14.94 3.87 -14.09
CA ARG A 228 -15.29 2.49 -13.85
C ARG A 228 -15.44 2.32 -12.34
N ILE A 229 -16.42 1.51 -11.94
CA ILE A 229 -16.68 1.21 -10.54
C ILE A 229 -15.78 0.04 -10.23
N GLY A 230 -15.22 0.00 -9.04
CA GLY A 230 -14.27 -1.07 -8.69
C GLY A 230 -14.98 -2.38 -8.42
N THR A 231 -14.25 -3.48 -8.53
CA THR A 231 -14.79 -4.78 -8.17
C THR A 231 -14.41 -5.17 -6.74
N THR A 232 -15.18 -6.06 -6.14
CA THR A 232 -14.79 -6.55 -4.79
C THR A 232 -13.46 -7.26 -4.79
N GLU A 233 -13.15 -7.89 -5.92
CA GLU A 233 -11.89 -8.57 -6.16
CA GLU A 233 -11.86 -8.56 -6.10
C GLU A 233 -10.72 -7.56 -6.10
N GLU A 234 -10.91 -6.41 -6.77
CA GLU A 234 -9.87 -5.35 -6.78
C GLU A 234 -9.62 -4.83 -5.40
N PHE A 235 -10.68 -4.68 -4.62
CA PHE A 235 -10.56 -4.19 -3.27
C PHE A 235 -9.88 -5.26 -2.39
N ALA A 236 -10.34 -6.51 -2.52
CA ALA A 236 -9.84 -7.59 -1.67
C ALA A 236 -8.38 -7.81 -1.83
N ASN A 237 -7.85 -7.62 -3.05
CA ASN A 237 -6.44 -7.86 -3.28
C ASN A 237 -5.52 -7.04 -2.36
N LEU A 238 -5.88 -5.82 -2.13
CA LEU A 238 -5.10 -4.95 -1.28
C LEU A 238 -5.19 -5.36 0.19
N VAL A 239 -6.40 -5.74 0.64
CA VAL A 239 -6.62 -6.13 2.02
C VAL A 239 -5.76 -7.37 2.29
N VAL A 240 -5.77 -8.32 1.36
CA VAL A 240 -4.99 -9.55 1.53
C VAL A 240 -3.51 -9.24 1.54
N PHE A 241 -3.05 -8.32 0.70
CA PHE A 241 -1.64 -7.89 0.81
C PHE A 241 -1.31 -7.36 2.18
N LEU A 242 -2.11 -6.45 2.69
CA LEU A 242 -1.84 -5.84 3.96
C LEU A 242 -1.88 -6.88 5.09
N ALA A 243 -2.65 -7.97 4.90
CA ALA A 243 -2.77 -9.00 5.93
C ALA A 243 -1.64 -10.05 5.88
N SER A 244 -0.69 -9.87 4.95
CA SER A 244 0.32 -10.87 4.62
C SER A 244 1.67 -10.66 5.34
N GLU A 245 2.52 -11.66 5.26
CA GLU A 245 3.88 -11.51 5.74
C GLU A 245 4.62 -10.44 4.93
N CYS A 246 4.22 -10.24 3.67
CA CYS A 246 4.91 -9.30 2.78
C CYS A 246 4.74 -7.83 3.20
N ALA A 247 3.72 -7.55 4.01
CA ALA A 247 3.46 -6.21 4.51
C ALA A 247 4.08 -5.98 5.91
N SER A 248 5.15 -6.73 6.23
CA SER A 248 5.78 -6.71 7.56
C SER A 248 6.37 -5.37 8.00
N TYR A 249 6.58 -4.44 7.08
CA TYR A 249 7.07 -3.13 7.52
C TYR A 249 6.03 -2.04 7.32
N ILE A 250 4.76 -2.39 7.16
CA ILE A 250 3.68 -1.39 6.88
C ILE A 250 2.70 -1.38 8.05
N THR A 251 2.59 -0.26 8.73
CA THR A 251 1.63 -0.12 9.80
C THR A 251 1.22 1.32 10.01
N GLY A 252 0.00 1.51 10.51
CA GLY A 252 -0.52 2.82 10.88
C GLY A 252 -1.04 3.68 9.76
N ILE A 253 -1.18 3.12 8.58
CA ILE A 253 -1.53 3.91 7.44
C ILE A 253 -2.96 3.65 6.95
N THR A 254 -3.50 4.62 6.22
CA THR A 254 -4.79 4.48 5.61
C THR A 254 -4.62 4.64 4.13
N ILE A 255 -5.08 3.66 3.33
CA ILE A 255 -4.88 3.63 1.88
C ILE A 255 -6.24 3.76 1.18
N PRO A 256 -6.42 4.78 0.32
CA PRO A 256 -7.61 4.88 -0.53
C PRO A 256 -7.56 3.89 -1.71
N LEU A 257 -8.65 3.17 -1.94
CA LEU A 257 -8.73 2.19 -2.99
C LEU A 257 -9.95 2.59 -3.77
N ASP A 258 -9.73 3.48 -4.74
CA ASP A 258 -10.85 4.31 -5.17
C ASP A 258 -10.89 4.75 -6.64
N GLY A 259 -10.09 4.12 -7.48
CA GLY A 259 -10.07 4.43 -8.90
C GLY A 259 -9.67 5.88 -9.19
N GLY A 260 -8.92 6.48 -8.29
CA GLY A 260 -8.52 7.87 -8.38
C GLY A 260 -9.44 8.96 -7.83
N LEU A 261 -10.53 8.62 -7.14
CA LEU A 261 -11.38 9.67 -6.53
C LEU A 261 -10.57 10.65 -5.68
N SER A 262 -9.59 10.15 -4.93
CA SER A 262 -8.84 10.98 -4.02
C SER A 262 -7.88 11.93 -4.75
N SER A 263 -7.63 11.72 -6.04
CA SER A 263 -6.84 12.64 -6.85
C SER A 263 -7.71 13.64 -7.59
N SER A 264 -9.00 13.71 -7.24
CA SER A 264 -9.96 14.51 -7.95
C SER A 264 -10.83 15.24 -6.91
N ALA A 265 -10.35 16.36 -6.41
CA ALA A 265 -11.05 17.11 -5.33
C ALA A 265 -12.32 17.82 -5.86
N PHE A 266 -13.39 17.79 -5.06
N MET B 1 -0.28 -15.29 -4.28
CA MET B 1 -1.13 -14.36 -5.09
C MET B 1 -0.53 -14.20 -6.49
N ASP B 2 -1.32 -14.49 -7.52
CA ASP B 2 -0.86 -14.31 -8.93
C ASP B 2 -1.01 -12.82 -9.28
N LEU B 3 0.12 -12.20 -9.53
CA LEU B 3 0.16 -10.77 -9.76
C LEU B 3 0.03 -10.41 -11.24
N GLY B 4 -0.03 -11.41 -12.13
CA GLY B 4 -0.39 -11.13 -13.53
C GLY B 4 0.73 -10.44 -14.26
N LEU B 5 1.97 -10.62 -13.81
CA LEU B 5 3.11 -9.88 -14.36
C LEU B 5 3.94 -10.66 -15.37
N LYS B 6 3.54 -11.90 -15.64
CA LYS B 6 4.35 -12.71 -16.58
C LYS B 6 4.49 -12.00 -17.94
N ASP B 7 5.73 -11.85 -18.38
CA ASP B 7 6.09 -11.23 -19.67
C ASP B 7 5.89 -9.72 -19.74
N LYS B 8 5.55 -9.07 -18.62
CA LYS B 8 5.50 -7.62 -18.62
CA LYS B 8 5.50 -7.62 -18.58
C LYS B 8 6.92 -7.10 -18.63
N VAL B 9 7.09 -5.92 -19.21
CA VAL B 9 8.39 -5.33 -19.35
C VAL B 9 8.52 -4.19 -18.36
N ALA B 10 9.50 -4.29 -17.48
CA ALA B 10 9.67 -3.28 -16.42
C ALA B 10 11.00 -2.57 -16.59
N LEU B 11 10.91 -1.25 -16.58
CA LEU B 11 12.08 -0.39 -16.44
C LEU B 11 12.21 0.07 -15.02
N ILE B 12 13.26 -0.33 -14.35
CA ILE B 12 13.60 0.13 -13.01
C ILE B 12 14.83 1.02 -13.06
N THR B 13 14.65 2.31 -12.80
CA THR B 13 15.83 3.17 -12.80
C THR B 13 16.60 3.03 -11.50
N GLY B 14 17.89 3.31 -11.55
CA GLY B 14 18.76 3.23 -10.38
C GLY B 14 18.75 1.89 -9.71
N SER B 15 19.05 0.85 -10.50
CA SER B 15 18.76 -0.52 -10.09
C SER B 15 20.01 -1.41 -9.98
N SER B 16 21.18 -0.80 -9.80
CA SER B 16 22.38 -1.57 -9.58
C SER B 16 22.69 -1.82 -8.11
N ALA B 17 21.94 -1.17 -7.21
CA ALA B 17 22.12 -1.31 -5.76
C ALA B 17 20.86 -0.82 -4.98
N GLY B 18 20.81 -1.12 -3.68
CA GLY B 18 19.72 -0.71 -2.78
C GLY B 18 18.32 -1.10 -3.20
N ILE B 19 17.38 -0.17 -2.94
CA ILE B 19 15.96 -0.40 -3.14
C ILE B 19 15.74 -0.86 -4.60
N GLY B 20 16.37 -0.15 -5.53
CA GLY B 20 16.11 -0.38 -6.92
C GLY B 20 16.50 -1.79 -7.40
N PHE B 21 17.63 -2.28 -6.91
CA PHE B 21 18.11 -3.61 -7.26
C PHE B 21 17.12 -4.67 -6.78
N THR B 22 16.65 -4.53 -5.54
CA THR B 22 15.75 -5.54 -4.98
C THR B 22 14.39 -5.50 -5.65
N ILE B 23 13.90 -4.32 -6.04
CA ILE B 23 12.73 -4.24 -6.84
C ILE B 23 12.89 -5.00 -8.18
N ALA B 24 14.01 -4.77 -8.85
CA ALA B 24 14.33 -5.54 -10.08
C ALA B 24 14.29 -7.07 -9.87
N GLU B 25 14.89 -7.53 -8.77
CA GLU B 25 14.89 -8.96 -8.45
C GLU B 25 13.49 -9.49 -8.31
N LYS B 26 12.69 -8.76 -7.54
CA LYS B 26 11.36 -9.19 -7.24
C LYS B 26 10.42 -9.15 -8.47
N LEU B 27 10.61 -8.17 -9.34
CA LEU B 27 9.86 -8.15 -10.56
C LEU B 27 10.26 -9.32 -11.50
N ALA B 28 11.56 -9.63 -11.57
CA ALA B 28 12.04 -10.80 -12.33
C ALA B 28 11.42 -12.10 -11.76
N GLU B 29 11.33 -12.19 -10.45
CA GLU B 29 10.74 -13.35 -9.79
C GLU B 29 9.30 -13.56 -10.19
N GLU B 30 8.57 -12.47 -10.45
CA GLU B 30 7.17 -12.56 -10.80
C GLU B 30 6.97 -12.73 -12.31
N GLY B 31 8.06 -12.78 -13.06
CA GLY B 31 8.00 -13.10 -14.48
C GLY B 31 8.19 -11.94 -15.43
N CYS B 32 8.63 -10.79 -14.95
CA CYS B 32 8.88 -9.65 -15.83
C CYS B 32 10.20 -9.77 -16.54
N HIS B 33 10.25 -9.15 -17.70
CA HIS B 33 11.52 -8.84 -18.35
C HIS B 33 11.97 -7.48 -17.91
N LEU B 34 13.26 -7.24 -17.84
CA LEU B 34 13.75 -6.00 -17.24
C LEU B 34 14.56 -5.11 -18.15
N ILE B 35 14.52 -3.84 -17.79
CA ILE B 35 15.56 -2.92 -18.10
C ILE B 35 16.09 -2.36 -16.80
N ILE B 36 17.40 -2.51 -16.57
CA ILE B 36 18.07 -1.95 -15.42
C ILE B 36 19.11 -0.93 -15.85
N CYS B 37 19.39 0.05 -14.96
CA CYS B 37 20.34 1.08 -15.29
C CYS B 37 20.94 1.69 -14.06
N GLY B 38 22.05 2.36 -14.30
CA GLY B 38 22.80 3.08 -13.32
C GLY B 38 23.90 3.90 -13.95
N ARG B 39 24.57 4.73 -13.14
CA ARG B 39 25.59 5.61 -13.68
C ARG B 39 26.97 4.91 -13.77
N ASN B 40 27.29 4.08 -12.80
CA ASN B 40 28.61 3.46 -12.69
C ASN B 40 28.54 2.15 -13.44
N SER B 41 29.30 2.03 -14.53
CA SER B 41 29.31 0.80 -15.31
C SER B 41 29.73 -0.45 -14.52
N GLN B 42 30.78 -0.37 -13.72
CA GLN B 42 31.24 -1.54 -12.95
C GLN B 42 30.16 -2.08 -12.00
N ARG B 43 29.49 -1.18 -11.28
CA ARG B 43 28.43 -1.56 -10.34
C ARG B 43 27.25 -2.17 -11.10
N LEU B 44 26.96 -1.57 -12.24
CA LEU B 44 25.86 -2.05 -13.06
C LEU B 44 26.12 -3.47 -13.59
N GLU B 45 27.35 -3.71 -14.06
CA GLU B 45 27.65 -5.05 -14.57
C GLU B 45 27.61 -6.10 -13.48
N GLN B 46 28.05 -5.79 -12.28
CA GLN B 46 27.85 -6.68 -11.14
C GLN B 46 26.38 -7.02 -10.88
N ALA B 47 25.52 -5.99 -10.95
CA ALA B 47 24.10 -6.21 -10.71
C ALA B 47 23.51 -7.07 -11.83
N TYR B 48 23.87 -6.73 -13.05
CA TYR B 48 23.43 -7.48 -14.24
C TYR B 48 23.81 -8.97 -14.11
N GLN B 49 25.06 -9.24 -13.77
CA GLN B 49 25.47 -10.64 -13.62
C GLN B 49 24.71 -11.36 -12.52
N SER B 50 24.49 -10.69 -11.38
CA SER B 50 23.67 -11.23 -10.29
C SER B 50 22.25 -11.61 -10.74
N LEU B 51 21.55 -10.68 -11.39
CA LEU B 51 20.24 -10.94 -11.88
C LEU B 51 20.17 -11.99 -13.01
N ALA B 52 21.09 -11.91 -13.96
CA ALA B 52 21.09 -12.85 -15.08
C ALA B 52 21.34 -14.27 -14.58
N GLN B 53 22.21 -14.42 -13.59
CA GLN B 53 22.49 -15.73 -13.07
C GLN B 53 21.33 -16.23 -12.23
N ALA B 54 20.63 -15.32 -11.55
CA ALA B 54 19.49 -15.74 -10.73
C ALA B 54 18.24 -16.01 -11.55
N TYR B 55 17.99 -15.27 -12.62
CA TYR B 55 16.74 -15.37 -13.39
C TYR B 55 17.10 -15.52 -14.86
N PRO B 56 17.76 -16.66 -15.23
CA PRO B 56 18.20 -16.85 -16.61
C PRO B 56 17.08 -16.99 -17.62
N ALA B 57 15.88 -17.35 -17.18
CA ALA B 57 14.72 -17.44 -18.07
C ALA B 57 14.15 -16.09 -18.48
N GLN B 58 14.53 -15.00 -17.80
CA GLN B 58 13.99 -13.67 -18.08
C GLN B 58 14.93 -12.89 -19.00
N GLN B 59 14.39 -12.05 -19.86
CA GLN B 59 15.23 -11.09 -20.53
C GLN B 59 15.58 -9.91 -19.59
N ILE B 60 16.84 -9.51 -19.62
CA ILE B 60 17.38 -8.37 -18.86
C ILE B 60 18.30 -7.54 -19.74
N LEU B 61 17.93 -6.29 -19.91
CA LEU B 61 18.68 -5.32 -20.65
C LEU B 61 19.32 -4.39 -19.63
N ARG B 62 20.66 -4.28 -19.62
CA ARG B 62 21.31 -3.27 -18.76
C ARG B 62 21.91 -2.12 -19.56
N LEU B 63 21.68 -0.90 -19.10
CA LEU B 63 22.15 0.31 -19.79
C LEU B 63 22.73 1.31 -18.82
N VAL B 64 23.90 1.85 -19.14
CA VAL B 64 24.48 2.92 -18.37
C VAL B 64 23.73 4.19 -18.76
N ALA B 65 23.09 4.84 -17.79
CA ALA B 65 22.32 6.07 -18.06
C ALA B 65 22.19 6.85 -16.76
N ASP B 66 22.43 8.16 -16.80
CA ASP B 66 22.11 9.05 -15.68
C ASP B 66 20.70 9.56 -15.94
N VAL B 67 19.71 9.09 -15.16
CA VAL B 67 18.34 9.50 -15.40
C VAL B 67 18.00 10.87 -14.80
N HIS B 68 19.00 11.60 -14.38
CA HIS B 68 18.81 13.05 -14.19
C HIS B 68 19.10 13.80 -15.47
N GLN B 69 19.64 13.14 -16.49
CA GLN B 69 20.02 13.83 -17.75
C GLN B 69 19.00 13.56 -18.85
N ALA B 70 18.56 14.64 -19.52
CA ALA B 70 17.57 14.50 -20.58
C ALA B 70 18.02 13.55 -21.68
N GLN B 71 19.24 13.73 -22.17
CA GLN B 71 19.69 12.91 -23.32
C GLN B 71 19.74 11.44 -22.94
N ASP B 72 20.38 11.12 -21.81
CA ASP B 72 20.42 9.75 -21.33
C ASP B 72 19.02 9.15 -21.12
N SER B 73 18.11 9.93 -20.55
CA SER B 73 16.77 9.43 -20.28
C SER B 73 15.98 9.16 -21.56
N GLU B 74 16.02 10.11 -22.49
CA GLU B 74 15.39 9.85 -23.78
C GLU B 74 15.95 8.60 -24.49
N GLN B 75 17.26 8.44 -24.46
CA GLN B 75 17.89 7.34 -25.14
C GLN B 75 17.64 6.05 -24.43
N LEU B 76 17.52 6.09 -23.09
CA LEU B 76 17.11 4.90 -22.32
C LEU B 76 15.75 4.36 -22.78
N ILE B 77 14.78 5.23 -22.99
CA ILE B 77 13.48 4.81 -23.38
C ILE B 77 13.52 4.26 -24.82
N GLN B 78 14.21 4.96 -25.71
CA GLN B 78 14.34 4.43 -27.07
C GLN B 78 15.04 3.07 -27.15
N ASP B 79 16.12 2.88 -26.42
CA ASP B 79 16.78 1.57 -26.32
C ASP B 79 15.84 0.50 -25.79
N SER B 80 15.05 0.82 -24.75
CA SER B 80 14.08 -0.11 -24.25
C SER B 80 13.06 -0.49 -25.26
N LEU B 81 12.45 0.48 -25.90
CA LEU B 81 11.53 0.21 -27.01
C LEU B 81 12.14 -0.60 -28.15
N ASN B 82 13.37 -0.32 -28.53
CA ASN B 82 14.02 -1.11 -29.59
C ASN B 82 14.17 -2.59 -29.19
N GLN B 83 14.43 -2.85 -27.91
CA GLN B 83 14.60 -4.21 -27.43
C GLN B 83 13.27 -4.97 -27.30
N TYR B 84 12.28 -4.32 -26.70
CA TYR B 84 11.04 -4.98 -26.29
C TYR B 84 9.73 -4.57 -26.99
N GLY B 85 9.73 -3.42 -27.63
CA GLY B 85 8.59 -2.93 -28.33
C GLY B 85 7.49 -2.34 -27.44
N LYS B 86 7.67 -2.43 -26.13
CA LYS B 86 6.71 -1.86 -25.20
C LYS B 86 7.42 -1.66 -23.87
N ILE B 87 6.87 -0.78 -23.05
CA ILE B 87 7.27 -0.67 -21.64
C ILE B 87 5.96 -0.75 -20.84
N ASP B 88 5.84 -1.73 -19.96
CA ASP B 88 4.62 -1.85 -19.15
C ASP B 88 4.68 -1.15 -17.78
N ILE B 89 5.87 -1.14 -17.18
CA ILE B 89 6.10 -0.67 -15.84
C ILE B 89 7.29 0.24 -15.80
N LEU B 90 7.16 1.39 -15.11
CA LEU B 90 8.29 2.27 -14.86
C LEU B 90 8.39 2.44 -13.33
N VAL B 91 9.52 2.11 -12.76
CA VAL B 91 9.85 2.48 -11.37
C VAL B 91 10.85 3.63 -11.38
N ASN B 92 10.39 4.80 -10.92
CA ASN B 92 11.23 5.98 -10.83
C ASN B 92 11.98 5.95 -9.53
N ASN B 93 13.30 5.81 -9.64
CA ASN B 93 14.17 5.66 -8.52
C ASN B 93 15.55 6.26 -8.87
N SER B 94 15.85 7.37 -8.24
CA SER B 94 17.13 8.04 -8.46
C SER B 94 17.47 8.90 -7.28
N GLU B 95 18.71 9.37 -7.26
CA GLU B 95 19.29 9.98 -6.09
C GLU B 95 18.66 11.33 -5.84
N GLY B 96 18.37 11.62 -4.57
CA GLY B 96 17.78 12.89 -4.18
C GLY B 96 18.90 13.86 -3.86
N ALA B 97 18.54 14.95 -3.20
CA ALA B 97 19.49 16.03 -2.86
C ALA B 97 20.52 15.57 -1.85
N ASN B 98 21.71 16.20 -1.91
CA ASN B 98 22.88 15.83 -1.12
C ASN B 98 22.74 16.11 0.39
N PHE B 99 23.54 15.42 1.20
CA PHE B 99 23.59 15.65 2.65
C PHE B 99 24.62 16.74 2.94
N LEU B 103 21.87 25.27 7.00
CA LEU B 103 20.94 26.38 7.13
C LEU B 103 20.42 26.87 5.77
N ILE B 104 19.11 27.17 5.73
CA ILE B 104 18.41 27.52 4.51
C ILE B 104 18.94 28.78 3.82
N GLU B 105 19.27 29.82 4.56
CA GLU B 105 19.76 31.09 3.95
C GLU B 105 20.98 30.83 3.08
N ASN B 106 21.80 29.88 3.52
CA ASN B 106 23.05 29.48 2.84
C ASN B 106 22.91 28.74 1.52
N LEU B 107 21.73 28.22 1.20
CA LEU B 107 21.56 27.58 -0.09
C LEU B 107 21.35 28.63 -1.16
N SER B 108 22.13 28.54 -2.22
CA SER B 108 22.07 29.49 -3.31
C SER B 108 21.03 29.05 -4.36
N ASP B 109 20.75 29.95 -5.30
CA ASP B 109 19.92 29.64 -6.46
C ASP B 109 20.41 28.43 -7.22
N GLU B 110 21.72 28.35 -7.38
CA GLU B 110 22.33 27.26 -8.12
C GLU B 110 22.08 25.96 -7.41
N ASP B 111 22.15 25.98 -6.08
CA ASP B 111 21.94 24.83 -5.26
C ASP B 111 20.51 24.32 -5.44
N TRP B 112 19.56 25.24 -5.44
CA TRP B 112 18.15 24.86 -5.58
C TRP B 112 17.91 24.38 -6.99
N LEU B 113 18.49 25.05 -7.97
CA LEU B 113 18.31 24.70 -9.37
C LEU B 113 18.88 23.31 -9.72
N ASN B 114 20.04 22.97 -9.15
CA ASN B 114 20.56 21.62 -9.24
C ASN B 114 19.64 20.57 -8.61
N VAL B 115 19.02 20.93 -7.51
CA VAL B 115 18.01 20.10 -6.92
C VAL B 115 16.83 19.85 -7.89
N PHE B 116 16.31 20.93 -8.48
CA PHE B 116 15.14 20.77 -9.31
C PHE B 116 15.51 20.03 -10.60
N GLN B 117 16.76 20.19 -11.06
CA GLN B 117 17.26 19.49 -12.25
C GLN B 117 17.71 18.03 -11.99
N GLY B 118 17.54 17.54 -10.76
CA GLY B 118 17.87 16.16 -10.42
C GLY B 118 16.64 15.31 -10.44
N LYS B 119 16.33 14.73 -9.29
CA LYS B 119 15.20 13.79 -9.11
C LYS B 119 13.85 14.40 -9.54
N LEU B 120 13.65 15.69 -9.26
CA LEU B 120 12.34 16.31 -9.52
C LEU B 120 11.99 16.29 -11.02
N ILE B 121 12.78 16.94 -11.84
CA ILE B 121 12.52 16.88 -13.30
C ILE B 121 12.84 15.50 -13.84
N GLY B 122 13.74 14.77 -13.20
CA GLY B 122 14.04 13.40 -13.63
C GLY B 122 12.84 12.47 -13.66
N TYR B 123 12.09 12.45 -12.55
CA TYR B 123 10.85 11.65 -12.52
C TYR B 123 9.78 12.20 -13.46
N ILE B 124 9.61 13.52 -13.52
CA ILE B 124 8.61 14.16 -14.39
C ILE B 124 8.91 13.80 -15.89
N ARG B 125 10.16 13.95 -16.25
CA ARG B 125 10.59 13.68 -17.63
C ARG B 125 10.33 12.23 -18.01
N LEU B 126 10.80 11.28 -17.19
CA LEU B 126 10.61 9.86 -17.56
C LEU B 126 9.14 9.49 -17.58
N THR B 127 8.32 10.05 -16.68
CA THR B 127 6.87 9.89 -16.75
C THR B 127 6.33 10.37 -18.08
N ASN B 128 6.74 11.57 -18.50
CA ASN B 128 6.28 12.12 -19.78
C ASN B 128 6.69 11.20 -20.95
N LEU B 129 7.87 10.62 -20.86
CA LEU B 129 8.42 9.77 -21.94
C LEU B 129 7.65 8.45 -22.07
N VAL B 130 7.25 7.87 -20.93
CA VAL B 130 6.55 6.58 -20.98
C VAL B 130 5.07 6.66 -21.17
N LEU B 131 4.42 7.80 -20.84
CA LEU B 131 2.96 7.92 -20.92
C LEU B 131 2.36 7.55 -22.29
N PRO B 132 2.92 8.08 -23.39
CA PRO B 132 2.33 7.70 -24.69
C PRO B 132 2.46 6.22 -24.96
N ILE B 133 3.55 5.60 -24.52
CA ILE B 133 3.77 4.18 -24.69
C ILE B 133 2.65 3.37 -23.96
N MET B 134 2.44 3.71 -22.69
CA MET B 134 1.50 2.98 -21.88
C MET B 134 0.06 3.27 -22.29
N LYS B 135 -0.23 4.51 -22.62
CA LYS B 135 -1.57 4.89 -23.08
C LYS B 135 -2.03 4.11 -24.31
N LYS B 136 -1.10 3.98 -25.24
CA LYS B 136 -1.30 3.36 -26.55
C LYS B 136 -1.77 1.93 -26.31
N GLN B 137 -1.18 1.25 -25.32
CA GLN B 137 -1.62 -0.12 -25.04
C GLN B 137 -2.67 -0.33 -23.94
N HIS B 138 -3.20 0.78 -23.41
CA HIS B 138 -4.16 0.82 -22.34
CA HIS B 138 -4.22 0.75 -22.36
C HIS B 138 -3.72 -0.10 -21.19
N TRP B 139 -2.45 0.02 -20.83
CA TRP B 139 -1.91 -0.70 -19.67
C TRP B 139 -0.58 -0.08 -19.27
N GLY B 140 -0.52 0.39 -18.04
CA GLY B 140 0.71 0.95 -17.55
C GLY B 140 0.69 1.05 -16.03
N ARG B 141 1.87 0.96 -15.47
CA ARG B 141 2.10 1.26 -14.05
C ARG B 141 3.35 2.10 -13.90
N ILE B 142 3.28 3.19 -13.09
CA ILE B 142 4.41 3.98 -12.70
C ILE B 142 4.40 4.05 -11.17
N VAL B 143 5.51 3.68 -10.60
CA VAL B 143 5.68 3.78 -9.17
C VAL B 143 6.88 4.69 -8.91
N ASN B 144 6.63 5.80 -8.18
CA ASN B 144 7.66 6.75 -7.84
C ASN B 144 8.20 6.51 -6.45
N ILE B 145 9.49 6.37 -6.32
CA ILE B 145 10.12 6.17 -5.02
C ILE B 145 10.51 7.56 -4.49
N ILE B 146 9.75 8.05 -3.51
CA ILE B 146 9.89 9.42 -3.08
C ILE B 146 10.60 9.48 -1.75
N GLY B 147 9.87 9.55 -0.63
CA GLY B 147 10.50 9.77 0.65
C GLY B 147 9.48 10.45 1.56
N THR B 148 9.41 10.00 2.82
CA THR B 148 8.47 10.61 3.80
C THR B 148 8.74 12.10 4.09
N SER B 149 9.94 12.59 3.80
CA SER B 149 10.20 14.05 4.00
C SER B 149 9.24 14.94 3.20
N GLY B 150 8.63 14.39 2.14
CA GLY B 150 7.65 15.19 1.37
C GLY B 150 6.38 15.48 2.17
N LYS B 151 6.12 14.61 3.14
CA LYS B 151 4.93 14.69 3.96
C LYS B 151 5.26 15.50 5.22
N GLU B 152 6.32 15.10 5.93
CA GLU B 152 6.75 15.80 7.14
C GLU B 152 8.25 16.02 7.01
N PRO B 153 8.68 17.27 6.75
CA PRO B 153 10.10 17.47 6.46
C PRO B 153 11.03 17.24 7.67
N SER B 154 12.29 16.90 7.42
CA SER B 154 13.27 16.68 8.49
C SER B 154 14.43 17.66 8.31
N PRO B 155 15.00 18.20 9.41
CA PRO B 155 16.00 19.31 9.38
C PRO B 155 17.20 19.00 8.48
N ARG B 156 17.67 17.76 8.60
CA ARG B 156 18.78 17.23 7.80
C ARG B 156 18.36 16.83 6.36
N LEU B 157 17.19 17.29 5.91
CA LEU B 157 16.64 16.89 4.61
C LEU B 157 15.74 17.97 3.97
N VAL B 158 16.17 19.23 4.01
CA VAL B 158 15.30 20.32 3.57
C VAL B 158 14.99 20.34 2.09
N LYS B 159 16.02 20.12 1.26
CA LYS B 159 15.84 20.20 -0.18
C LYS B 159 15.01 18.99 -0.63
N SER B 160 15.28 17.82 -0.03
CA SER B 160 14.52 16.57 -0.29
C SER B 160 13.05 16.74 -0.05
N GLY B 161 12.71 17.38 1.06
CA GLY B 161 11.29 17.58 1.39
C GLY B 161 10.54 18.37 0.36
N VAL B 162 11.19 19.40 -0.18
CA VAL B 162 10.59 20.27 -1.16
C VAL B 162 10.34 19.47 -2.44
N VAL B 163 11.34 18.71 -2.85
CA VAL B 163 11.25 17.87 -4.00
C VAL B 163 10.20 16.80 -3.80
N ASN B 164 10.25 16.12 -2.67
CA ASN B 164 9.27 15.08 -2.37
C ASN B 164 7.81 15.57 -2.32
N ALA B 165 7.54 16.73 -1.72
CA ALA B 165 6.19 17.30 -1.77
C ALA B 165 5.70 17.56 -3.18
N ALA B 166 6.56 18.15 -4.00
CA ALA B 166 6.27 18.42 -5.39
C ALA B 166 5.88 17.14 -6.14
N LEU B 167 6.66 16.10 -5.96
CA LEU B 167 6.43 14.84 -6.64
C LEU B 167 5.18 14.14 -6.17
N MET B 168 4.82 14.26 -4.89
CA MET B 168 3.53 13.71 -4.43
C MET B 168 2.34 14.41 -5.08
N ASN B 169 2.45 15.72 -5.26
CA ASN B 169 1.43 16.47 -5.95
C ASN B 169 1.35 16.13 -7.41
N PHE B 170 2.50 16.07 -8.05
CA PHE B 170 2.59 15.62 -9.44
C PHE B 170 1.89 14.27 -9.65
N THR B 171 2.16 13.32 -8.76
CA THR B 171 1.58 12.00 -8.78
C THR B 171 0.05 12.05 -8.89
N LYS B 172 -0.58 12.90 -8.10
CA LYS B 172 -2.03 13.04 -8.11
C LYS B 172 -2.53 13.62 -9.43
N SER B 173 -1.90 14.68 -9.90
CA SER B 173 -2.32 15.30 -11.13
C SER B 173 -2.20 14.36 -12.35
N VAL B 174 -1.08 13.65 -12.49
CA VAL B 174 -0.92 12.78 -13.62
C VAL B 174 -1.85 11.57 -13.50
N ALA B 175 -1.96 11.01 -12.29
CA ALA B 175 -2.92 9.91 -12.09
C ALA B 175 -4.31 10.24 -12.56
N ARG B 176 -4.80 11.44 -12.22
CA ARG B 176 -6.13 11.84 -12.63
C ARG B 176 -6.29 11.84 -14.16
N GLN B 177 -5.27 12.26 -14.84
CA GLN B 177 -5.35 12.39 -16.30
C GLN B 177 -5.23 11.06 -17.03
N THR B 178 -4.47 10.13 -16.46
CA THR B 178 -4.15 8.86 -17.15
C THR B 178 -5.04 7.67 -16.73
N ALA B 179 -5.83 7.87 -15.66
CA ALA B 179 -6.71 6.83 -15.13
C ALA B 179 -7.61 6.14 -16.19
N PRO B 180 -8.24 6.90 -17.11
CA PRO B 180 -9.12 6.16 -18.03
C PRO B 180 -8.38 5.29 -19.04
N TYR B 181 -7.06 5.38 -19.08
CA TYR B 181 -6.25 4.60 -19.99
C TYR B 181 -5.68 3.37 -19.32
N ASN B 182 -6.08 3.12 -18.07
CA ASN B 182 -5.51 2.05 -17.26
C ASN B 182 -4.02 2.20 -17.08
N VAL B 183 -3.57 3.45 -17.01
CA VAL B 183 -2.19 3.79 -16.68
C VAL B 183 -2.25 4.40 -15.27
N LEU B 184 -1.79 3.59 -14.32
CA LEU B 184 -1.91 3.90 -12.90
C LEU B 184 -0.56 4.35 -12.35
N ILE B 185 -0.59 5.40 -11.53
CA ILE B 185 0.59 6.06 -11.03
C ILE B 185 0.46 6.33 -9.56
N ASN B 186 1.41 5.78 -8.80
CA ASN B 186 1.46 5.86 -7.37
C ASN B 186 2.84 6.14 -6.87
N SER B 187 2.95 6.50 -5.61
CA SER B 187 4.28 6.66 -5.02
CA SER B 187 4.27 6.69 -5.03
C SER B 187 4.39 5.94 -3.71
N VAL B 188 5.61 5.55 -3.41
CA VAL B 188 5.91 4.94 -2.12
C VAL B 188 6.97 5.78 -1.44
N ASN B 189 6.72 6.09 -0.16
CA ASN B 189 7.61 6.92 0.62
C ASN B 189 8.32 6.00 1.60
N PRO B 190 9.56 5.65 1.28
CA PRO B 190 10.34 4.95 2.29
C PRO B 190 10.56 5.75 3.55
N GLY B 191 10.53 5.03 4.69
CA GLY B 191 10.97 5.53 5.97
C GLY B 191 12.48 5.43 6.06
N VAL B 192 12.97 4.40 6.75
CA VAL B 192 14.39 4.11 6.87
C VAL B 192 14.51 2.70 6.39
N ILE B 193 15.23 2.52 5.29
CA ILE B 193 15.44 1.22 4.67
C ILE B 193 16.94 0.99 4.49
N ASP B 194 17.39 -0.20 4.86
CA ASP B 194 18.81 -0.51 4.89
C ASP B 194 19.40 -0.70 3.46
N THR B 195 19.89 0.41 2.89
CA THR B 195 20.58 0.47 1.57
C THR B 195 21.97 1.07 1.69
N PRO B 196 22.82 0.94 0.64
CA PRO B 196 24.12 1.64 0.64
C PRO B 196 24.04 3.13 0.99
N ARG B 197 23.09 3.85 0.41
CA ARG B 197 22.88 5.25 0.75
C ARG B 197 22.56 5.51 2.24
N HIS B 198 21.69 4.68 2.82
CA HIS B 198 21.35 4.77 4.26
C HIS B 198 22.60 4.62 5.12
N ARG B 199 23.40 3.62 4.79
CA ARG B 199 24.62 3.36 5.53
CA ARG B 199 24.64 3.37 5.52
C ARG B 199 25.63 4.52 5.29
N GLU B 200 25.63 5.09 4.10
CA GLU B 200 26.39 6.31 3.85
C GLU B 200 25.88 7.49 4.70
N TYR B 201 24.57 7.67 4.81
CA TYR B 201 24.00 8.64 5.72
C TYR B 201 24.55 8.38 7.15
N LEU B 202 24.59 7.12 7.60
CA LEU B 202 25.07 6.83 8.97
C LEU B 202 26.52 7.32 9.22
N GLU B 203 27.39 7.15 8.22
CA GLU B 203 28.79 7.63 8.32
C GLU B 203 28.88 9.15 8.33
N ILE B 204 28.26 9.80 7.35
CA ILE B 204 28.46 11.24 7.23
C ILE B 204 27.89 11.97 8.48
N TYR B 205 26.75 11.52 9.01
CA TYR B 205 26.20 12.18 10.20
C TYR B 205 26.90 11.74 11.49
N ALA B 206 27.45 10.53 11.57
CA ALA B 206 28.21 10.22 12.79
C ALA B 206 29.41 11.20 12.90
N LYS B 207 30.02 11.52 11.76
CA LYS B 207 31.11 12.52 11.73
C LYS B 207 30.66 13.94 12.03
N LYS B 208 29.67 14.47 11.32
CA LYS B 208 29.11 15.76 11.67
CA LYS B 208 29.14 15.77 11.67
C LYS B 208 28.78 15.86 13.17
N GLU B 209 28.30 14.77 13.78
CA GLU B 209 27.83 14.84 15.18
C GLU B 209 28.86 14.39 16.23
N GLY B 210 30.02 13.91 15.78
CA GLY B 210 31.04 13.38 16.67
C GLY B 210 30.67 12.14 17.43
N THR B 211 30.09 11.17 16.74
CA THR B 211 29.60 9.98 17.42
C THR B 211 29.87 8.81 16.48
N THR B 212 29.25 7.66 16.77
CA THR B 212 29.42 6.47 15.94
C THR B 212 28.16 6.19 15.14
N PRO B 213 28.34 5.51 13.99
CA PRO B 213 27.21 4.99 13.22
C PRO B 213 26.23 4.27 14.10
N ASP B 214 26.74 3.42 15.01
CA ASP B 214 25.88 2.64 15.91
C ASP B 214 24.95 3.53 16.72
N LEU B 215 25.47 4.64 17.24
CA LEU B 215 24.67 5.51 18.04
C LEU B 215 23.66 6.32 17.23
N ILE B 216 23.99 6.66 15.99
CA ILE B 216 23.06 7.33 15.09
C ILE B 216 21.94 6.30 14.86
N ARG B 217 22.33 5.05 14.61
CA ARG B 217 21.33 3.96 14.37
C ARG B 217 20.42 3.73 15.59
N GLU B 218 20.98 3.67 16.79
CA GLU B 218 20.13 3.54 17.99
C GLU B 218 19.15 4.69 18.12
N ARG B 219 19.55 5.90 17.77
CA ARG B 219 18.68 7.05 17.84
C ARG B 219 17.55 6.93 16.82
N ILE B 220 17.87 6.42 15.62
CA ILE B 220 16.83 6.19 14.59
C ILE B 220 15.82 5.14 15.05
N LEU B 221 16.34 4.03 15.56
CA LEU B 221 15.53 2.91 16.02
C LEU B 221 14.54 3.29 17.12
N LYS B 222 14.94 4.17 18.03
CA LYS B 222 14.00 4.72 19.02
C LYS B 222 12.85 5.51 18.40
N THR B 223 13.05 6.09 17.22
CA THR B 223 11.95 6.83 16.58
C THR B 223 10.97 5.95 15.78
N ILE B 224 11.39 4.74 15.42
CA ILE B 224 10.54 3.87 14.60
C ILE B 224 9.73 2.94 15.51
N PRO B 225 8.39 2.97 15.44
CA PRO B 225 7.57 2.06 16.33
C PRO B 225 7.93 0.60 16.31
N MET B 226 8.27 0.07 15.13
CA MET B 226 8.71 -1.29 15.01
C MET B 226 10.05 -1.60 15.64
N ASN B 227 10.81 -0.56 15.96
CA ASN B 227 12.14 -0.72 16.57
CA ASN B 227 12.15 -0.70 16.56
C ASN B 227 13.11 -1.50 15.68
N ARG B 228 13.00 -1.30 14.37
CA ARG B 228 13.93 -1.88 13.39
C ARG B 228 13.87 -1.15 12.07
N ILE B 229 14.99 -1.21 11.35
CA ILE B 229 15.13 -0.57 10.06
C ILE B 229 14.63 -1.57 9.01
N GLY B 230 13.89 -1.08 8.00
CA GLY B 230 13.23 -1.93 7.04
C GLY B 230 14.27 -2.61 6.12
N THR B 231 13.93 -3.76 5.56
CA THR B 231 14.78 -4.35 4.51
C THR B 231 14.32 -3.95 3.11
N THR B 232 15.24 -3.98 2.15
CA THR B 232 14.85 -3.71 0.78
C THR B 232 13.84 -4.72 0.27
N GLU B 233 13.84 -5.96 0.77
CA GLU B 233 12.78 -6.91 0.38
C GLU B 233 11.38 -6.47 0.80
N GLU B 234 11.26 -6.05 2.06
CA GLU B 234 9.98 -5.53 2.60
C GLU B 234 9.48 -4.35 1.80
N PHE B 235 10.42 -3.51 1.38
CA PHE B 235 10.08 -2.34 0.60
C PHE B 235 9.63 -2.70 -0.78
N ALA B 236 10.40 -3.56 -1.42
CA ALA B 236 10.10 -4.03 -2.77
C ALA B 236 8.74 -4.74 -2.87
N ASN B 237 8.31 -5.47 -1.82
CA ASN B 237 7.03 -6.16 -1.92
C ASN B 237 5.89 -5.26 -2.30
N LEU B 238 5.84 -4.08 -1.68
CA LEU B 238 4.75 -3.14 -1.99
C LEU B 238 4.87 -2.59 -3.40
N VAL B 239 6.08 -2.25 -3.81
CA VAL B 239 6.27 -1.69 -5.13
C VAL B 239 5.82 -2.70 -6.17
N VAL B 240 6.19 -3.96 -5.96
CA VAL B 240 5.81 -5.01 -6.90
C VAL B 240 4.29 -5.22 -6.93
N PHE B 241 3.64 -5.14 -5.77
CA PHE B 241 2.18 -5.17 -5.72
C PHE B 241 1.51 -4.05 -6.49
N LEU B 242 2.04 -2.84 -6.33
CA LEU B 242 1.49 -1.67 -7.04
C LEU B 242 1.73 -1.77 -8.54
N ALA B 243 2.79 -2.46 -8.96
CA ALA B 243 3.08 -2.63 -10.38
C ALA B 243 2.25 -3.74 -11.00
N SER B 244 1.44 -4.43 -10.20
CA SER B 244 0.75 -5.62 -10.63
C SER B 244 -0.64 -5.39 -11.25
N GLU B 245 -1.15 -6.45 -11.86
CA GLU B 245 -2.53 -6.47 -12.32
C GLU B 245 -3.46 -6.38 -11.12
N CYS B 246 -3.03 -6.85 -9.95
CA CYS B 246 -3.92 -6.84 -8.78
C CYS B 246 -4.25 -5.45 -8.25
N ALA B 247 -3.41 -4.49 -8.57
CA ALA B 247 -3.54 -3.11 -8.10
C ALA B 247 -4.31 -2.22 -9.10
N SER B 248 -5.20 -2.87 -9.85
CA SER B 248 -5.90 -2.23 -10.97
C SER B 248 -6.92 -1.17 -10.61
N TYR B 249 -7.26 -0.99 -9.32
CA TYR B 249 -8.14 0.11 -8.91
C TYR B 249 -7.43 1.14 -8.02
N ILE B 250 -6.09 1.05 -7.95
CA ILE B 250 -5.33 1.93 -7.08
C ILE B 250 -4.52 2.91 -7.93
N THR B 251 -4.81 4.21 -7.79
CA THR B 251 -4.04 5.21 -8.50
C THR B 251 -4.08 6.55 -7.76
N GLY B 252 -3.01 7.32 -7.89
CA GLY B 252 -2.91 8.70 -7.41
C GLY B 252 -2.55 8.79 -5.94
N ILE B 253 -2.10 7.69 -5.34
CA ILE B 253 -1.83 7.72 -3.90
C ILE B 253 -0.35 7.61 -3.58
N THR B 254 0.01 8.03 -2.37
CA THR B 254 1.37 7.91 -1.87
C THR B 254 1.29 7.13 -0.59
N ILE B 255 2.02 6.03 -0.51
CA ILE B 255 1.94 5.12 0.64
C ILE B 255 3.26 5.15 1.40
N PRO B 256 3.25 5.50 2.72
CA PRO B 256 4.40 5.34 3.56
C PRO B 256 4.75 3.87 3.81
N LEU B 257 6.02 3.54 3.71
CA LEU B 257 6.49 2.20 3.98
C LEU B 257 7.61 2.36 4.96
N ASP B 258 7.24 2.40 6.24
CA ASP B 258 8.13 3.06 7.22
C ASP B 258 8.13 2.51 8.64
N GLY B 259 7.60 1.31 8.87
CA GLY B 259 7.71 0.73 10.21
C GLY B 259 6.91 1.47 11.27
N GLY B 260 6.00 2.28 10.80
CA GLY B 260 5.14 3.08 11.66
C GLY B 260 5.66 4.49 11.92
N LEU B 261 6.75 4.92 11.26
CA LEU B 261 7.29 6.25 11.49
C LEU B 261 6.22 7.34 11.36
N SER B 262 5.33 7.24 10.38
CA SER B 262 4.27 8.26 10.18
CA SER B 262 4.33 8.30 10.22
C SER B 262 3.25 8.29 11.34
N SER B 263 3.13 7.19 12.08
CA SER B 263 2.18 7.17 13.20
C SER B 263 2.78 7.82 14.43
N SER B 264 4.07 8.09 14.34
CA SER B 264 4.90 8.57 15.43
C SER B 264 5.16 10.10 15.35
N ALA B 265 5.06 10.70 14.16
CA ALA B 265 5.18 12.16 13.96
C ALA B 265 4.70 13.01 15.15
PA NDP C . -22.62 -4.65 2.08
O1A NDP C . -23.87 -4.25 2.85
O2A NDP C . -22.64 -4.96 0.59
O5B NDP C . -22.04 -5.98 2.82
C5B NDP C . -21.98 -5.93 4.23
C4B NDP C . -21.68 -7.31 4.76
O4B NDP C . -21.40 -7.11 6.13
C3B NDP C . -22.85 -8.28 4.72
O3B NDP C . -22.29 -9.60 4.70
C2B NDP C . -23.59 -8.03 6.03
O2B NDP C . -24.30 -9.21 6.47
C1B NDP C . -22.41 -7.73 6.94
N9A NDP C . -22.69 -6.86 8.09
C8A NDP C . -23.02 -5.54 8.08
N7A NDP C . -23.16 -5.09 9.37
C5A NDP C . -22.92 -6.14 10.20
C6A NDP C . -22.92 -6.38 11.67
N6A NDP C . -23.21 -5.36 12.51
N1A NDP C . -22.58 -7.62 12.14
C2A NDP C . -22.30 -8.62 11.30
N3A NDP C . -22.29 -8.48 9.96
C4A NDP C . -22.59 -7.29 9.35
O3 NDP C . -21.56 -3.49 2.47
PN NDP C . -20.21 -3.26 1.61
O1N NDP C . -19.75 -4.71 1.21
O2N NDP C . -20.53 -2.24 0.51
O5D NDP C . -19.37 -2.42 2.69
C5D NDP C . -18.39 -2.98 3.58
C4D NDP C . -17.61 -1.86 4.29
O4D NDP C . -17.17 -0.82 3.41
C3D NDP C . -18.42 -1.18 5.38
O3D NDP C . -17.55 -1.05 6.51
C2D NDP C . -18.77 0.16 4.75
O2D NDP C . -19.10 1.14 5.73
C1D NDP C . -17.53 0.47 3.91
N1N NDP C . -17.66 1.41 2.76
C2N NDP C . -18.05 0.91 1.58
C3N NDP C . -18.19 1.71 0.44
C7N NDP C . -18.61 1.06 -0.86
O7N NDP C . -18.33 1.63 -1.88
N7N NDP C . -19.24 -0.13 -0.89
C4N NDP C . -17.89 3.20 0.49
C5N NDP C . -17.49 3.65 1.83
C6N NDP C . -17.38 2.73 2.90
P2B NDP C . -25.56 -9.16 7.47
O1X NDP C . -26.13 -10.55 7.42
O2X NDP C . -24.99 -8.84 8.85
O3X NDP C . -26.42 -8.10 6.82
PA NDP D . 21.16 3.78 -3.01
O1A NDP D . 22.19 4.89 -3.29
O2A NDP D . 21.42 2.72 -1.97
O5B NDP D . 20.94 3.09 -4.45
C5B NDP D . 20.73 3.98 -5.55
C4B NDP D . 20.82 3.18 -6.85
O4B NDP D . 20.38 4.01 -7.91
C3B NDP D . 22.20 2.79 -7.23
O3B NDP D . 22.08 1.65 -8.13
C2B NDP D . 22.69 4.00 -8.03
O2B NDP D . 23.75 3.62 -8.90
C1B NDP D . 21.46 4.38 -8.80
N9A NDP D . 21.25 5.80 -9.18
C8A NDP D . 21.17 6.84 -8.34
N7A NDP D . 20.94 7.96 -9.02
C5A NDP D . 20.90 7.65 -10.34
C6A NDP D . 20.76 8.37 -11.61
N6A NDP D . 20.60 9.73 -11.68
N1A NDP D . 20.78 7.66 -12.72
C2A NDP D . 20.93 6.33 -12.70
N3A NDP D . 21.13 5.61 -11.61
C4A NDP D . 21.11 6.22 -10.41
O3 NDP D . 19.80 4.65 -2.78
PN NDP D . 18.46 4.11 -1.98
O1N NDP D . 18.11 2.71 -2.45
O2N NDP D . 18.69 4.34 -0.47
O5D NDP D . 17.40 5.19 -2.51
C5D NDP D . 16.45 4.94 -3.52
C4D NDP D . 15.39 6.04 -3.56
O4D NDP D . 14.70 6.05 -2.29
C3D NDP D . 15.96 7.43 -3.75
O3D NDP D . 15.01 8.14 -4.57
C2D NDP D . 15.98 8.01 -2.36
O2D NDP D . 15.88 9.44 -2.32
C1D NDP D . 14.73 7.35 -1.76
N1N NDP D . 14.77 7.23 -0.28
C2N NDP D . 15.43 6.23 0.36
C3N NDP D . 15.47 6.15 1.75
C7N NDP D . 16.16 5.04 2.51
O7N NDP D . 15.90 4.85 3.71
N7N NDP D . 17.04 4.24 1.90
C4N NDP D . 14.72 7.16 2.58
C5N NDP D . 14.06 8.17 1.77
C6N NDP D . 14.13 8.21 0.41
P2B NDP D . 24.85 4.67 -9.42
O1X NDP D . 25.28 5.50 -8.30
O2X NDP D . 25.94 3.85 -10.12
O3X NDP D . 24.05 5.41 -10.47
O2 PGE E . -9.75 5.15 -23.75
C3 PGE E . -10.40 5.95 -22.76
C4 PGE E . -9.78 7.33 -22.79
O3 PGE E . -10.80 8.24 -23.18
O2 PGE F . 21.70 21.47 3.04
C3 PGE F . 22.43 21.83 4.23
C4 PGE F . 23.92 21.90 3.86
O3 PGE F . 24.31 20.58 3.51
#